data_5EL2
#
_entry.id   5EL2
#
_cell.length_a   29.984
_cell.length_b   68.476
_cell.length_c   61.675
_cell.angle_alpha   90.000
_cell.angle_beta   99.610
_cell.angle_gamma   90.000
#
_symmetry.space_group_name_H-M   'P 1 21 1'
#
loop_
_entity.id
_entity.type
_entity.pdbx_description
1 polymer AGAP003309-PA
2 non-polymer 'MAGNESIUM ION'
3 non-polymer Icaridin
4 water water
#
_entity_poly.entity_id   1
_entity_poly.type   'polypeptide(L)'
_entity_poly.pdbx_seq_one_letter_code
;DTTPRRDAEYPPPELLEALKPLHDICLGKTGVTEEAIKKFSDEEIHEDEKLKCYMNCLFHEAKVVDDNGDVHLEKLHDSL
PSSMHDIAMHMGKRCLYPEGETLCDKAFWLHKCWKQSDPKHYFLV
;
_entity_poly.pdbx_strand_id   A,B
#
loop_
_chem_comp.id
_chem_comp.type
_chem_comp.name
_chem_comp.formula
KBR non-polymer Icaridin 'C12 H23 N O3'
MG non-polymer 'MAGNESIUM ION' 'Mg 2'
#
# COMPACT_ATOMS: atom_id res chain seq x y z
N ASP A 1 -24.02 -3.95 12.30
CA ASP A 1 -22.85 -3.64 13.18
C ASP A 1 -22.05 -4.90 13.52
N THR A 2 -20.76 -4.91 13.17
CA THR A 2 -19.89 -6.07 13.41
C THR A 2 -19.06 -5.86 14.67
N THR A 3 -18.98 -6.92 15.48
CA THR A 3 -18.44 -6.88 16.82
C THR A 3 -16.92 -6.92 16.78
N PRO A 4 -16.28 -5.97 17.47
CA PRO A 4 -14.82 -6.06 17.59
C PRO A 4 -14.39 -7.34 18.26
N ARG A 5 -13.41 -8.00 17.68
CA ARG A 5 -12.76 -9.13 18.34
C ARG A 5 -11.87 -8.68 19.50
N ARG A 6 -12.26 -9.15 20.69
CA ARG A 6 -11.61 -8.86 21.93
C ARG A 6 -11.59 -10.12 22.82
N ASP A 7 -10.46 -10.81 22.86
CA ASP A 7 -10.35 -12.06 23.61
C ASP A 7 -8.91 -12.24 24.06
N ALA A 8 -8.58 -13.41 24.64
CA ALA A 8 -7.24 -13.67 25.17
C ALA A 8 -6.10 -13.56 24.14
N GLU A 9 -6.40 -13.84 22.88
N GLU A 9 -6.39 -13.85 22.88
CA GLU A 9 -5.40 -13.88 21.82
CA GLU A 9 -5.37 -13.85 21.84
C GLU A 9 -5.38 -12.67 20.90
C GLU A 9 -5.35 -12.60 20.97
N TYR A 10 -6.48 -11.89 20.88
CA TYR A 10 -6.58 -10.72 19.99
C TYR A 10 -7.36 -9.60 20.66
N PRO A 11 -6.84 -8.35 20.60
CA PRO A 11 -5.57 -7.92 20.01
C PRO A 11 -4.36 -8.61 20.70
N PRO A 12 -3.25 -8.80 19.96
CA PRO A 12 -2.10 -9.54 20.52
C PRO A 12 -1.64 -8.91 21.82
N PRO A 13 -1.62 -9.70 22.90
CA PRO A 13 -1.33 -9.15 24.23
C PRO A 13 0.07 -8.51 24.31
N GLU A 14 1.03 -9.10 23.61
N GLU A 14 1.03 -9.09 23.61
CA GLU A 14 2.40 -8.60 23.64
CA GLU A 14 2.41 -8.57 23.67
C GLU A 14 2.48 -7.20 23.02
C GLU A 14 2.56 -7.21 22.95
N LEU A 15 1.71 -6.95 21.96
CA LEU A 15 1.65 -5.62 21.35
C LEU A 15 0.98 -4.62 22.28
N LEU A 16 -0.16 -5.00 22.86
CA LEU A 16 -0.82 -4.16 23.85
C LEU A 16 0.16 -3.75 24.94
N GLU A 17 0.91 -4.71 25.48
CA GLU A 17 1.88 -4.42 26.53
C GLU A 17 2.96 -3.43 26.06
N ALA A 18 3.53 -3.70 24.89
CA ALA A 18 4.58 -2.84 24.33
C ALA A 18 4.15 -1.39 24.10
N LEU A 19 2.87 -1.17 23.81
CA LEU A 19 2.34 0.15 23.51
C LEU A 19 1.97 1.00 24.73
N LYS A 20 1.92 0.40 25.91
N LYS A 20 1.92 0.39 25.90
CA LYS A 20 1.59 1.13 27.13
CA LYS A 20 1.59 1.10 27.15
C LYS A 20 2.40 2.42 27.32
C LYS A 20 2.39 2.40 27.33
N PRO A 21 3.74 2.33 27.25
CA PRO A 21 4.51 3.58 27.43
C PRO A 21 4.30 4.65 26.35
N LEU A 22 3.94 4.24 25.14
CA LEU A 22 3.63 5.18 24.06
C LEU A 22 2.29 5.85 24.35
N HIS A 23 1.33 5.09 24.84
CA HIS A 23 0.05 5.64 25.26
C HIS A 23 0.25 6.70 26.34
N ASP A 24 1.08 6.40 27.34
CA ASP A 24 1.36 7.38 28.40
C ASP A 24 1.98 8.68 27.88
N ILE A 25 2.97 8.58 26.99
CA ILE A 25 3.63 9.78 26.42
C ILE A 25 2.61 10.62 25.64
N CYS A 26 1.88 9.94 24.78
CA CYS A 26 1.00 10.60 23.82
C CYS A 26 -0.27 11.21 24.43
N LEU A 27 -0.82 10.54 25.42
CA LEU A 27 -1.92 11.11 26.19
C LEU A 27 -1.46 12.31 26.99
N GLY A 28 -0.25 12.24 27.56
CA GLY A 28 0.31 13.37 28.26
C GLY A 28 0.58 14.57 27.36
N LYS A 29 0.99 14.31 26.12
N LYS A 29 1.02 14.30 26.13
CA LYS A 29 1.33 15.36 25.17
CA LYS A 29 1.32 15.35 25.16
C LYS A 29 0.11 15.98 24.51
C LYS A 29 0.04 16.01 24.68
N THR A 30 -0.93 15.18 24.31
CA THR A 30 -2.12 15.62 23.56
C THR A 30 -3.37 15.96 24.35
N GLY A 31 -3.44 15.51 25.60
CA GLY A 31 -4.59 15.72 26.47
C GLY A 31 -5.87 14.98 26.08
N VAL A 32 -5.78 13.96 25.21
CA VAL A 32 -6.94 13.13 24.92
C VAL A 32 -7.38 12.39 26.20
N THR A 33 -8.65 12.04 26.29
CA THR A 33 -9.15 11.21 27.41
C THR A 33 -9.01 9.73 27.14
N GLU A 34 -8.90 8.96 28.22
CA GLU A 34 -8.99 7.51 28.16
C GLU A 34 -10.30 7.06 27.48
N GLU A 35 -11.41 7.71 27.81
N GLU A 35 -11.40 7.71 27.82
CA GLU A 35 -12.70 7.31 27.27
CA GLU A 35 -12.72 7.34 27.29
C GLU A 35 -12.80 7.52 25.76
C GLU A 35 -12.82 7.52 25.77
N ALA A 36 -12.26 8.62 25.25
CA ALA A 36 -12.25 8.87 23.81
C ALA A 36 -11.50 7.79 23.06
N ILE A 37 -10.36 7.36 23.59
CA ILE A 37 -9.61 6.28 22.95
C ILE A 37 -10.39 4.96 22.93
N LYS A 38 -10.99 4.56 24.05
N LYS A 38 -11.07 4.65 24.04
CA LYS A 38 -11.62 3.25 24.16
CA LYS A 38 -11.87 3.43 24.15
C LYS A 38 -12.88 3.16 23.26
C LYS A 38 -13.12 3.47 23.28
N LYS A 39 -13.60 4.27 23.21
N LYS A 39 -13.79 4.61 23.19
CA LYS A 39 -14.81 4.41 22.37
CA LYS A 39 -14.94 4.70 22.32
C LYS A 39 -14.51 4.39 20.86
C LYS A 39 -14.50 4.39 20.88
N PHE A 40 -13.43 5.03 20.45
CA PHE A 40 -12.95 4.87 19.05
C PHE A 40 -12.53 3.44 18.78
N SER A 41 -11.82 2.83 19.74
CA SER A 41 -11.38 1.45 19.61
C SER A 41 -12.53 0.48 19.42
N ASP A 42 -13.52 0.56 20.31
CA ASP A 42 -14.55 -0.46 20.41
C ASP A 42 -15.97 -0.11 19.99
N GLU A 43 -16.27 1.19 19.87
N GLU A 43 -16.29 1.17 19.96
CA GLU A 43 -17.64 1.69 19.53
CA GLU A 43 -17.64 1.54 19.65
C GLU A 43 -17.58 2.62 18.28
C GLU A 43 -17.58 2.24 18.31
N GLU A 44 -18.42 3.66 18.18
N GLU A 44 -18.06 3.48 18.29
CA GLU A 44 -18.51 4.42 16.93
CA GLU A 44 -18.24 4.22 17.04
C GLU A 44 -17.29 5.31 16.66
C GLU A 44 -17.07 5.12 16.68
N ILE A 45 -16.88 5.35 15.38
CA ILE A 45 -16.01 6.40 14.88
C ILE A 45 -16.59 7.74 15.34
N HIS A 46 -15.74 8.58 15.91
CA HIS A 46 -16.18 9.87 16.41
C HIS A 46 -15.07 10.91 16.24
N GLU A 47 -15.47 12.18 16.26
CA GLU A 47 -14.60 13.34 15.99
C GLU A 47 -14.17 13.98 17.28
N ASP A 48 -12.87 13.96 17.53
CA ASP A 48 -12.28 14.54 18.74
C ASP A 48 -10.88 14.98 18.30
N GLU A 49 -10.62 16.31 18.36
CA GLU A 49 -9.40 16.87 17.78
C GLU A 49 -8.17 16.39 18.55
N LYS A 50 -8.30 16.23 19.86
CA LYS A 50 -7.20 15.73 20.68
C LYS A 50 -6.93 14.24 20.39
N LEU A 51 -7.98 13.47 20.17
CA LEU A 51 -7.82 12.07 19.76
C LEU A 51 -7.04 11.97 18.42
N LYS A 52 -7.30 12.89 17.50
CA LYS A 52 -6.61 12.88 16.19
C LYS A 52 -5.12 13.10 16.43
N CYS A 53 -4.79 14.02 17.32
CA CYS A 53 -3.40 14.27 17.64
C CYS A 53 -2.74 13.15 18.44
N TYR A 54 -3.48 12.50 19.32
CA TYR A 54 -3.00 11.29 19.98
C TYR A 54 -2.59 10.25 18.91
N MET A 55 -3.44 10.04 17.92
CA MET A 55 -3.15 9.11 16.81
C MET A 55 -1.86 9.46 16.06
N ASN A 56 -1.65 10.75 15.77
CA ASN A 56 -0.40 11.20 15.15
C ASN A 56 0.80 10.92 16.05
N CYS A 57 0.63 11.22 17.33
CA CYS A 57 1.69 11.06 18.32
C CYS A 57 2.13 9.60 18.40
N LEU A 58 1.18 8.65 18.40
CA LEU A 58 1.56 7.22 18.41
C LEU A 58 2.46 6.80 17.23
N PHE A 59 2.11 7.26 16.03
CA PHE A 59 2.93 7.00 14.84
C PHE A 59 4.36 7.53 15.03
N HIS A 60 4.47 8.76 15.55
CA HIS A 60 5.75 9.36 15.82
C HIS A 60 6.56 8.57 16.85
N GLU A 61 5.95 8.26 18.00
CA GLU A 61 6.64 7.54 19.07
C GLU A 61 6.99 6.12 18.65
N ALA A 62 6.18 5.53 17.78
CA ALA A 62 6.47 4.19 17.23
C ALA A 62 7.53 4.19 16.11
N LYS A 63 8.00 5.39 15.73
N LYS A 63 7.99 5.38 15.73
CA LYS A 63 9.01 5.55 14.68
CA LYS A 63 9.02 5.54 14.68
C LYS A 63 8.57 4.92 13.37
C LYS A 63 8.58 4.92 13.36
N VAL A 64 7.34 5.17 12.97
CA VAL A 64 6.81 4.68 11.70
C VAL A 64 6.42 5.86 10.78
N VAL A 65 7.16 6.96 10.92
CA VAL A 65 6.95 8.15 10.09
C VAL A 65 8.17 8.47 9.23
N ASP A 66 7.94 9.22 8.16
CA ASP A 66 9.02 9.71 7.34
C ASP A 66 9.61 10.99 7.93
N ASP A 67 10.54 11.59 7.20
N ASP A 67 10.53 11.61 7.20
CA ASP A 67 11.25 12.78 7.67
CA ASP A 67 11.26 12.77 7.68
C ASP A 67 10.38 14.00 7.93
C ASP A 67 10.43 14.04 7.81
N ASN A 68 9.19 14.02 7.33
CA ASN A 68 8.23 15.11 7.53
C ASN A 68 7.04 14.75 8.45
N GLY A 69 7.12 13.59 9.09
CA GLY A 69 6.12 13.18 10.05
C GLY A 69 4.94 12.43 9.45
N ASP A 70 4.98 12.13 8.15
CA ASP A 70 3.88 11.42 7.52
C ASP A 70 4.10 9.93 7.75
N VAL A 71 2.99 9.20 7.86
CA VAL A 71 3.05 7.77 8.14
C VAL A 71 3.69 7.06 6.95
N HIS A 72 4.69 6.23 7.24
CA HIS A 72 5.30 5.33 6.28
C HIS A 72 4.66 3.95 6.47
N LEU A 73 3.80 3.54 5.54
CA LEU A 73 2.97 2.36 5.76
C LEU A 73 3.74 1.05 5.79
N GLU A 74 4.87 1.00 5.10
CA GLU A 74 5.76 -0.18 5.17
C GLU A 74 6.39 -0.30 6.55
N LYS A 75 6.93 0.80 7.07
CA LYS A 75 7.53 0.80 8.42
C LYS A 75 6.49 0.35 9.43
N LEU A 76 5.26 0.86 9.27
CA LEU A 76 4.15 0.49 10.15
C LEU A 76 3.85 -1.02 10.06
N HIS A 77 3.67 -1.53 8.85
CA HIS A 77 3.34 -2.94 8.68
C HIS A 77 4.43 -3.81 9.32
N ASP A 78 5.68 -3.43 9.07
CA ASP A 78 6.84 -4.15 9.63
C ASP A 78 6.94 -4.08 11.15
N SER A 79 6.42 -3.00 11.76
CA SER A 79 6.35 -2.90 13.23
C SER A 79 5.33 -3.82 13.90
N LEU A 80 4.37 -4.35 13.16
CA LEU A 80 3.35 -5.21 13.75
C LEU A 80 3.81 -6.66 13.89
N PRO A 81 3.29 -7.38 14.90
CA PRO A 81 3.51 -8.83 14.98
C PRO A 81 3.03 -9.56 13.73
N SER A 82 3.78 -10.57 13.31
CA SER A 82 3.38 -11.41 12.16
C SER A 82 1.92 -11.86 12.19
N SER A 83 1.40 -12.16 13.37
CA SER A 83 0.00 -12.57 13.53
C SER A 83 -0.99 -11.58 12.94
N MET A 84 -0.56 -10.31 12.82
CA MET A 84 -1.41 -9.24 12.29
C MET A 84 -1.19 -8.88 10.83
N HIS A 85 -0.20 -9.47 10.18
CA HIS A 85 0.19 -9.00 8.84
C HIS A 85 -0.90 -9.13 7.78
N ASP A 86 -1.56 -10.29 7.77
CA ASP A 86 -2.61 -10.52 6.79
C ASP A 86 -3.78 -9.56 7.06
N ILE A 87 -4.24 -9.50 8.30
CA ILE A 87 -5.30 -8.60 8.69
C ILE A 87 -4.98 -7.16 8.26
N ALA A 88 -3.76 -6.71 8.52
CA ALA A 88 -3.35 -5.35 8.17
C ALA A 88 -3.34 -5.09 6.67
N MET A 89 -2.90 -6.08 5.89
CA MET A 89 -2.93 -6.00 4.44
C MET A 89 -4.30 -5.61 3.91
N HIS A 90 -5.32 -6.32 4.39
CA HIS A 90 -6.68 -6.12 3.93
C HIS A 90 -7.31 -4.88 4.54
N MET A 91 -6.98 -4.61 5.79
CA MET A 91 -7.50 -3.43 6.51
C MET A 91 -7.03 -2.13 5.84
N GLY A 92 -5.82 -2.13 5.31
CA GLY A 92 -5.21 -0.91 4.77
C GLY A 92 -5.23 -0.75 3.26
N LYS A 93 -5.72 -1.76 2.54
CA LYS A 93 -5.62 -1.75 1.07
C LYS A 93 -6.38 -0.60 0.37
N ARG A 94 -7.48 -0.16 0.96
N ARG A 94 -7.47 -0.15 0.97
CA ARG A 94 -8.21 1.02 0.47
CA ARG A 94 -8.20 1.01 0.45
C ARG A 94 -7.74 2.30 1.14
C ARG A 94 -7.76 2.28 1.16
N CYS A 95 -6.62 2.24 1.88
CA CYS A 95 -6.23 3.34 2.77
C CYS A 95 -4.79 3.82 2.53
N LEU A 96 -4.34 3.84 1.28
CA LEU A 96 -2.91 4.12 1.00
C LEU A 96 -2.49 5.59 1.06
N TYR A 97 -3.42 6.48 0.75
CA TYR A 97 -3.07 7.86 0.48
C TYR A 97 -3.89 8.81 1.36
N PRO A 98 -3.43 9.06 2.60
CA PRO A 98 -4.20 9.89 3.51
C PRO A 98 -4.39 11.32 3.02
N GLU A 99 -5.63 11.77 3.12
N GLU A 99 -5.46 11.96 3.51
CA GLU A 99 -5.92 13.22 3.00
CA GLU A 99 -5.91 13.29 3.05
C GLU A 99 -6.03 13.98 4.35
C GLU A 99 -6.13 14.03 4.34
N GLY A 100 -5.74 15.28 4.34
CA GLY A 100 -5.89 16.11 5.52
C GLY A 100 -4.88 17.23 5.59
N GLU A 101 -5.25 18.30 6.31
CA GLU A 101 -4.45 19.52 6.38
C GLU A 101 -3.23 19.27 7.27
N THR A 102 -3.48 18.80 8.49
CA THR A 102 -2.40 18.56 9.48
C THR A 102 -2.02 17.10 9.59
N LEU A 103 -0.90 16.84 10.27
CA LEU A 103 -0.51 15.47 10.55
C LEU A 103 -1.57 14.77 11.39
N CYS A 104 -2.21 15.48 12.30
CA CYS A 104 -3.29 14.89 13.11
C CYS A 104 -4.50 14.52 12.21
N ASP A 105 -4.81 15.36 11.22
CA ASP A 105 -5.91 15.06 10.28
C ASP A 105 -5.63 13.80 9.46
N LYS A 106 -4.39 13.69 9.00
CA LYS A 106 -3.99 12.53 8.22
C LYS A 106 -3.92 11.26 9.07
N ALA A 107 -3.49 11.37 10.33
CA ALA A 107 -3.47 10.22 11.26
C ALA A 107 -4.90 9.72 11.50
N PHE A 108 -5.81 10.66 11.72
CA PHE A 108 -7.23 10.33 11.87
C PHE A 108 -7.83 9.70 10.62
N TRP A 109 -7.44 10.21 9.45
CA TRP A 109 -7.93 9.67 8.19
C TRP A 109 -7.61 8.19 8.13
N LEU A 110 -6.36 7.83 8.46
CA LEU A 110 -5.93 6.42 8.46
C LEU A 110 -6.72 5.59 9.46
N HIS A 111 -6.83 6.03 10.70
CA HIS A 111 -7.59 5.25 11.69
C HIS A 111 -9.06 5.04 11.30
N LYS A 112 -9.69 6.08 10.78
CA LYS A 112 -11.07 5.98 10.32
C LYS A 112 -11.20 4.98 9.16
N CYS A 113 -10.33 5.11 8.17
CA CYS A 113 -10.34 4.20 7.00
C CYS A 113 -10.16 2.74 7.45
N TRP A 114 -9.22 2.51 8.37
CA TRP A 114 -8.97 1.15 8.86
C TRP A 114 -10.14 0.57 9.62
N LYS A 115 -10.73 1.40 10.47
CA LYS A 115 -11.87 0.99 11.28
C LYS A 115 -13.10 0.78 10.39
N GLN A 116 -13.25 1.62 9.36
N GLN A 116 -13.27 1.62 9.36
CA GLN A 116 -14.31 1.41 8.35
CA GLN A 116 -14.31 1.40 8.36
C GLN A 116 -14.10 0.08 7.61
C GLN A 116 -14.10 0.08 7.60
N SER A 117 -12.85 -0.21 7.26
CA SER A 117 -12.54 -1.38 6.44
C SER A 117 -12.70 -2.69 7.19
N ASP A 118 -12.29 -2.73 8.45
CA ASP A 118 -12.33 -3.96 9.23
C ASP A 118 -12.59 -3.65 10.72
N PRO A 119 -13.87 -3.37 11.07
CA PRO A 119 -14.21 -3.06 12.47
C PRO A 119 -14.01 -4.24 13.43
N LYS A 120 -13.97 -5.47 12.90
CA LYS A 120 -13.74 -6.65 13.74
C LYS A 120 -12.32 -6.59 14.31
N HIS A 121 -11.34 -6.29 13.48
CA HIS A 121 -9.92 -6.35 13.92
C HIS A 121 -9.31 -4.99 14.31
N TYR A 122 -9.96 -3.91 13.95
CA TYR A 122 -9.45 -2.60 14.34
C TYR A 122 -9.46 -2.48 15.88
N PHE A 123 -8.40 -1.89 16.42
CA PHE A 123 -8.36 -1.47 17.82
C PHE A 123 -7.45 -0.26 17.92
N LEU A 124 -7.62 0.45 19.02
CA LEU A 124 -6.77 1.58 19.40
C LEU A 124 -6.51 1.49 20.88
N VAL A 125 -5.25 1.58 21.29
CA VAL A 125 -4.95 1.57 22.71
C VAL A 125 -4.22 2.85 23.12
N ASP B 1 10.87 -20.26 -4.88
CA ASP B 1 11.12 -20.45 -6.33
C ASP B 1 11.00 -19.13 -7.08
N THR B 2 11.74 -19.00 -8.17
CA THR B 2 11.84 -17.73 -8.90
C THR B 2 11.55 -17.77 -10.40
N THR B 3 11.42 -18.95 -11.02
CA THR B 3 11.25 -19.00 -12.49
C THR B 3 9.80 -18.62 -12.86
N PRO B 4 9.63 -17.80 -13.93
CA PRO B 4 8.32 -17.22 -14.24
C PRO B 4 7.21 -18.24 -14.54
N ARG B 5 6.02 -17.98 -13.98
CA ARG B 5 4.83 -18.75 -14.31
C ARG B 5 4.23 -18.23 -15.60
N ARG B 6 4.19 -19.11 -16.60
CA ARG B 6 3.61 -18.80 -17.88
C ARG B 6 2.85 -20.02 -18.37
N ASP B 7 1.53 -19.95 -18.34
CA ASP B 7 0.66 -21.06 -18.76
C ASP B 7 -0.72 -20.55 -19.17
N ALA B 8 -1.66 -21.47 -19.39
CA ALA B 8 -2.96 -21.13 -19.94
C ALA B 8 -3.77 -20.18 -19.04
N GLU B 9 -3.58 -20.28 -17.73
CA GLU B 9 -4.34 -19.46 -16.79
C GLU B 9 -3.58 -18.24 -16.27
N TYR B 10 -2.24 -18.29 -16.23
CA TYR B 10 -1.44 -17.13 -15.75
C TYR B 10 -0.28 -16.75 -16.68
N PRO B 11 -0.12 -15.43 -16.98
CA PRO B 11 -0.95 -14.27 -16.65
C PRO B 11 -2.37 -14.40 -17.19
N PRO B 12 -3.34 -13.70 -16.57
CA PRO B 12 -4.72 -13.84 -17.05
C PRO B 12 -4.81 -13.50 -18.53
N PRO B 13 -5.28 -14.44 -19.36
CA PRO B 13 -5.31 -14.17 -20.81
C PRO B 13 -6.13 -12.92 -21.17
N GLU B 14 -7.20 -12.65 -20.44
CA GLU B 14 -8.04 -11.46 -20.74
C GLU B 14 -7.34 -10.12 -20.43
N LEU B 15 -6.44 -10.12 -19.44
CA LEU B 15 -5.66 -8.93 -19.17
C LEU B 15 -4.67 -8.72 -20.32
N LEU B 16 -3.99 -9.80 -20.70
CA LEU B 16 -3.07 -9.77 -21.83
C LEU B 16 -3.72 -9.21 -23.09
N GLU B 17 -4.96 -9.63 -23.36
N GLU B 17 -4.95 -9.64 -23.37
CA GLU B 17 -5.71 -9.13 -24.51
CA GLU B 17 -5.70 -9.16 -24.52
C GLU B 17 -5.93 -7.63 -24.41
C GLU B 17 -5.96 -7.65 -24.41
N ALA B 18 -6.33 -7.19 -23.22
CA ALA B 18 -6.61 -5.79 -22.98
C ALA B 18 -5.37 -4.91 -23.14
N LEU B 19 -4.19 -5.43 -22.79
CA LEU B 19 -2.96 -4.65 -22.85
C LEU B 19 -2.42 -4.48 -24.28
N LYS B 20 -2.90 -5.27 -25.24
CA LYS B 20 -2.37 -5.22 -26.62
C LYS B 20 -2.35 -3.82 -27.25
N PRO B 21 -3.48 -3.10 -27.27
CA PRO B 21 -3.45 -1.78 -27.88
C PRO B 21 -2.60 -0.75 -27.13
N LEU B 22 -2.44 -0.95 -25.82
CA LEU B 22 -1.58 -0.09 -25.01
C LEU B 22 -0.13 -0.36 -25.36
N HIS B 23 0.20 -1.63 -25.54
CA HIS B 23 1.52 -2.05 -26.00
C HIS B 23 1.87 -1.40 -27.33
N ASP B 24 0.93 -1.39 -28.27
CA ASP B 24 1.21 -0.86 -29.61
C ASP B 24 1.50 0.62 -29.51
N ILE B 25 0.64 1.33 -28.78
CA ILE B 25 0.79 2.77 -28.60
C ILE B 25 2.15 3.07 -27.98
N CYS B 26 2.42 2.40 -26.86
CA CYS B 26 3.61 2.71 -26.06
C CYS B 26 4.94 2.25 -26.69
N LEU B 27 4.95 1.08 -27.31
CA LEU B 27 6.14 0.64 -28.08
C LEU B 27 6.41 1.59 -29.24
N GLY B 28 5.36 2.00 -29.93
CA GLY B 28 5.53 2.94 -31.05
C GLY B 28 6.08 4.29 -30.63
N LYS B 29 5.58 4.81 -29.50
N LYS B 29 5.58 4.80 -29.50
CA LYS B 29 5.98 6.14 -29.03
CA LYS B 29 5.96 6.13 -29.03
C LYS B 29 7.39 6.14 -28.47
C LYS B 29 7.38 6.15 -28.47
N THR B 30 7.76 5.06 -27.80
CA THR B 30 9.04 4.99 -27.08
C THR B 30 10.22 4.43 -27.88
N GLY B 31 9.92 3.59 -28.86
CA GLY B 31 10.94 2.92 -29.64
C GLY B 31 11.67 1.78 -28.95
N VAL B 32 11.15 1.31 -27.80
CA VAL B 32 11.67 0.11 -27.14
C VAL B 32 11.50 -1.09 -28.06
N THR B 33 12.33 -2.12 -27.91
CA THR B 33 12.12 -3.34 -28.71
C THR B 33 11.25 -4.37 -28.03
N GLU B 34 10.57 -5.21 -28.80
N GLU B 34 10.72 -5.31 -28.82
CA GLU B 34 9.73 -6.26 -28.22
CA GLU B 34 10.01 -6.46 -28.29
C GLU B 34 10.56 -7.21 -27.36
C GLU B 34 10.95 -7.38 -27.49
N GLU B 35 11.81 -7.44 -27.80
N GLU B 35 12.20 -7.56 -27.95
CA GLU B 35 12.77 -8.31 -27.08
CA GLU B 35 13.17 -8.33 -27.18
C GLU B 35 13.18 -7.74 -25.73
C GLU B 35 13.31 -7.76 -25.77
N ALA B 36 13.44 -6.44 -25.68
CA ALA B 36 13.75 -5.77 -24.41
C ALA B 36 12.63 -6.01 -23.40
N ILE B 37 11.39 -5.91 -23.87
CA ILE B 37 10.23 -6.12 -23.01
C ILE B 37 10.16 -7.58 -22.54
N LYS B 38 10.42 -8.52 -23.43
N LYS B 38 10.42 -8.52 -23.44
CA LYS B 38 10.24 -9.94 -23.09
CA LYS B 38 10.31 -9.93 -23.10
C LYS B 38 11.37 -10.41 -22.17
C LYS B 38 11.40 -10.32 -22.12
N LYS B 39 12.55 -9.83 -22.35
N LYS B 39 12.62 -9.83 -22.37
CA LYS B 39 13.68 -10.14 -21.47
CA LYS B 39 13.71 -10.10 -21.47
C LYS B 39 13.45 -9.61 -20.06
C LYS B 39 13.37 -9.65 -20.06
N PHE B 40 12.88 -8.42 -19.93
CA PHE B 40 12.52 -7.90 -18.62
C PHE B 40 11.42 -8.74 -18.00
N SER B 41 10.42 -9.12 -18.79
CA SER B 41 9.31 -9.94 -18.32
C SER B 41 9.75 -11.31 -17.83
N ASP B 42 10.50 -12.03 -18.65
CA ASP B 42 10.79 -13.47 -18.43
C ASP B 42 12.22 -13.81 -17.99
N GLU B 43 13.15 -12.87 -18.15
CA GLU B 43 14.56 -13.17 -17.87
C GLU B 43 15.08 -12.16 -16.86
N GLU B 44 16.26 -11.61 -17.07
CA GLU B 44 16.90 -10.78 -16.06
C GLU B 44 16.42 -9.35 -16.12
N ILE B 45 16.34 -8.73 -14.95
CA ILE B 45 16.22 -7.28 -14.86
C ILE B 45 17.38 -6.67 -15.64
N HIS B 46 17.06 -5.73 -16.52
CA HIS B 46 18.09 -4.99 -17.22
C HIS B 46 17.68 -3.54 -17.36
N GLU B 47 18.66 -2.71 -17.70
CA GLU B 47 18.50 -1.27 -17.78
C GLU B 47 18.47 -0.87 -19.25
N ASP B 48 17.31 -0.39 -19.68
CA ASP B 48 17.09 0.09 -21.04
C ASP B 48 16.26 1.33 -20.82
N GLU B 49 16.75 2.49 -21.24
CA GLU B 49 16.04 3.74 -20.96
C GLU B 49 14.69 3.83 -21.68
N LYS B 50 14.61 3.28 -22.88
CA LYS B 50 13.35 3.31 -23.64
C LYS B 50 12.33 2.41 -22.99
N LEU B 51 12.79 1.31 -22.40
CA LEU B 51 11.93 0.42 -21.62
C LEU B 51 11.35 1.13 -20.40
N LYS B 52 12.15 1.97 -19.74
CA LYS B 52 11.64 2.75 -18.59
C LYS B 52 10.47 3.63 -19.02
N CYS B 53 10.60 4.27 -20.17
CA CYS B 53 9.54 5.17 -20.64
C CYS B 53 8.33 4.42 -21.21
N TYR B 54 8.57 3.26 -21.79
CA TYR B 54 7.49 2.34 -22.14
C TYR B 54 6.65 2.00 -20.88
N MET B 55 7.33 1.65 -19.78
CA MET B 55 6.63 1.36 -18.50
C MET B 55 5.76 2.53 -18.05
N ASN B 56 6.34 3.74 -18.08
CA ASN B 56 5.57 4.93 -17.76
C ASN B 56 4.36 5.07 -18.69
N CYS B 57 4.61 4.90 -19.98
CA CYS B 57 3.56 5.09 -20.96
C CYS B 57 2.40 4.14 -20.70
N LEU B 58 2.69 2.88 -20.36
CA LEU B 58 1.65 1.92 -20.05
C LEU B 58 0.75 2.40 -18.91
N PHE B 59 1.36 2.90 -17.86
CA PHE B 59 0.59 3.39 -16.71
C PHE B 59 -0.36 4.52 -17.14
N HIS B 60 0.11 5.40 -18.02
CA HIS B 60 -0.69 6.55 -18.47
C HIS B 60 -1.83 6.11 -19.34
N GLU B 61 -1.53 5.24 -20.32
CA GLU B 61 -2.55 4.68 -21.21
C GLU B 61 -3.57 3.80 -20.49
N ALA B 62 -3.14 3.11 -19.42
CA ALA B 62 -4.07 2.31 -18.62
C ALA B 62 -4.92 3.13 -17.66
N LYS B 63 -4.67 4.43 -17.56
N LYS B 63 -4.68 4.45 -17.59
CA LYS B 63 -5.43 5.33 -16.70
CA LYS B 63 -5.39 5.36 -16.69
C LYS B 63 -5.33 4.96 -15.22
C LYS B 63 -5.32 4.94 -15.23
N VAL B 64 -4.12 4.65 -14.76
CA VAL B 64 -3.88 4.30 -13.36
C VAL B 64 -2.90 5.29 -12.71
N VAL B 65 -2.92 6.54 -13.19
CA VAL B 65 -2.04 7.59 -12.70
C VAL B 65 -2.85 8.74 -12.09
N ASP B 66 -2.22 9.51 -11.21
CA ASP B 66 -2.86 10.71 -10.68
C ASP B 66 -2.59 11.92 -11.61
N ASP B 67 -3.03 13.10 -11.17
N ASP B 67 -3.05 13.10 -11.20
CA ASP B 67 -2.88 14.34 -11.93
CA ASP B 67 -2.87 14.32 -12.00
C ASP B 67 -1.44 14.77 -12.17
C ASP B 67 -1.41 14.65 -12.34
N ASN B 68 -0.49 14.23 -11.40
N ASN B 68 -0.49 14.29 -11.45
CA ASN B 68 0.92 14.47 -11.64
CA ASN B 68 0.92 14.51 -11.70
C ASN B 68 1.57 13.39 -12.49
C ASN B 68 1.57 13.39 -12.51
N GLY B 69 0.79 12.40 -12.92
CA GLY B 69 1.31 11.27 -13.70
C GLY B 69 1.93 10.16 -12.87
N ASP B 70 1.88 10.27 -11.54
CA ASP B 70 2.43 9.22 -10.66
C ASP B 70 1.42 8.08 -10.55
N VAL B 71 1.93 6.86 -10.40
CA VAL B 71 1.04 5.70 -10.36
C VAL B 71 0.22 5.75 -9.07
N HIS B 72 -1.10 5.59 -9.22
CA HIS B 72 -1.99 5.43 -8.09
C HIS B 72 -2.19 3.93 -7.84
N LEU B 73 -1.59 3.38 -6.78
CA LEU B 73 -1.56 1.93 -6.60
C LEU B 73 -2.94 1.25 -6.39
N GLU B 74 -3.90 1.98 -5.82
N GLU B 74 -3.91 1.97 -5.84
CA GLU B 74 -5.27 1.46 -5.67
CA GLU B 74 -5.25 1.42 -5.69
C GLU B 74 -5.97 1.34 -7.02
C GLU B 74 -5.97 1.33 -7.03
N LYS B 75 -5.90 2.39 -7.83
CA LYS B 75 -6.41 2.37 -9.20
C LYS B 75 -5.85 1.19 -9.98
N LEU B 76 -4.54 0.95 -9.85
CA LEU B 76 -3.84 -0.13 -10.55
C LEU B 76 -4.32 -1.48 -10.08
N HIS B 77 -4.30 -1.70 -8.78
CA HIS B 77 -4.77 -2.96 -8.20
C HIS B 77 -6.20 -3.24 -8.65
N ASP B 78 -7.05 -2.23 -8.57
CA ASP B 78 -8.45 -2.35 -8.99
C ASP B 78 -8.64 -2.64 -10.47
N SER B 79 -7.65 -2.28 -11.30
CA SER B 79 -7.76 -2.52 -12.74
C SER B 79 -7.41 -3.95 -13.11
N LEU B 80 -6.81 -4.70 -12.19
CA LEU B 80 -6.41 -6.09 -12.43
C LEU B 80 -7.55 -7.07 -12.23
N PRO B 81 -7.48 -8.24 -12.90
CA PRO B 81 -8.48 -9.28 -12.62
C PRO B 81 -8.49 -9.70 -11.16
N SER B 82 -9.69 -9.98 -10.63
N SER B 82 -9.69 -9.98 -10.65
CA SER B 82 -9.83 -10.44 -9.25
CA SER B 82 -9.87 -10.48 -9.27
C SER B 82 -8.99 -11.67 -8.96
C SER B 82 -8.97 -11.66 -8.97
N SER B 83 -8.77 -12.51 -9.98
CA SER B 83 -7.96 -13.71 -9.86
C SER B 83 -6.51 -13.47 -9.43
N MET B 84 -5.99 -12.26 -9.62
CA MET B 84 -4.61 -11.98 -9.18
C MET B 84 -4.54 -10.92 -8.06
N HIS B 85 -5.68 -10.61 -7.44
CA HIS B 85 -5.69 -9.57 -6.40
C HIS B 85 -4.74 -9.85 -5.24
N ASP B 86 -4.75 -11.08 -4.72
CA ASP B 86 -3.85 -11.45 -3.61
C ASP B 86 -2.38 -11.45 -4.01
N ILE B 87 -2.09 -12.05 -5.16
CA ILE B 87 -0.71 -12.08 -5.67
C ILE B 87 -0.18 -10.65 -5.90
N ALA B 88 -1.01 -9.81 -6.46
CA ALA B 88 -0.66 -8.40 -6.69
C ALA B 88 -0.37 -7.66 -5.38
N MET B 89 -1.20 -7.88 -4.36
CA MET B 89 -1.04 -7.23 -3.08
C MET B 89 0.34 -7.51 -2.47
N HIS B 90 0.69 -8.78 -2.42
CA HIS B 90 1.97 -9.20 -1.87
C HIS B 90 3.17 -8.81 -2.76
N MET B 91 2.99 -8.82 -4.07
CA MET B 91 3.99 -8.31 -5.00
C MET B 91 4.32 -6.84 -4.75
N GLY B 92 3.30 -6.04 -4.40
CA GLY B 92 3.47 -4.59 -4.28
C GLY B 92 3.73 -4.02 -2.90
N LYS B 93 3.63 -4.86 -1.87
CA LYS B 93 3.54 -4.37 -0.49
C LYS B 93 4.80 -3.72 0.04
N ARG B 94 5.95 -4.03 -0.55
CA ARG B 94 7.18 -3.33 -0.19
C ARG B 94 7.68 -2.45 -1.33
N CYS B 95 6.73 -1.98 -2.15
CA CYS B 95 7.03 -1.13 -3.30
C CYS B 95 6.07 0.06 -3.35
N LEU B 96 5.72 0.63 -2.17
CA LEU B 96 4.69 1.66 -2.09
C LEU B 96 5.12 3.04 -2.55
N TYR B 97 6.41 3.35 -2.38
CA TYR B 97 6.90 4.72 -2.46
C TYR B 97 8.05 4.88 -3.45
N PRO B 98 7.73 4.95 -4.75
CA PRO B 98 8.78 4.97 -5.77
C PRO B 98 9.72 6.17 -5.68
N GLU B 99 10.98 5.94 -6.01
N GLU B 99 11.00 5.96 -5.96
CA GLU B 99 11.98 7.00 -6.02
CA GLU B 99 11.96 7.04 -6.02
C GLU B 99 12.46 7.18 -7.47
C GLU B 99 12.44 7.19 -7.46
N GLY B 100 12.94 8.38 -7.78
CA GLY B 100 13.45 8.67 -9.13
C GLY B 100 13.11 10.09 -9.51
N GLU B 101 13.90 10.66 -10.40
CA GLU B 101 13.74 12.06 -10.76
C GLU B 101 12.60 12.28 -11.72
N THR B 102 12.41 11.35 -12.66
CA THR B 102 11.36 11.46 -13.67
C THR B 102 10.30 10.40 -13.51
N LEU B 103 9.22 10.55 -14.27
CA LEU B 103 8.18 9.52 -14.27
C LEU B 103 8.70 8.19 -14.82
N CYS B 104 9.59 8.25 -15.82
CA CYS B 104 10.13 7.02 -16.40
C CYS B 104 10.93 6.24 -15.37
N ASP B 105 11.73 6.95 -14.60
CA ASP B 105 12.54 6.36 -13.53
C ASP B 105 11.66 5.75 -12.44
N LYS B 106 10.64 6.48 -12.02
CA LYS B 106 9.71 5.95 -11.01
C LYS B 106 8.93 4.74 -11.51
N ALA B 107 8.49 4.78 -12.78
CA ALA B 107 7.86 3.62 -13.42
C ALA B 107 8.77 2.38 -13.38
N PHE B 108 10.04 2.59 -13.76
CA PHE B 108 11.04 1.54 -13.71
C PHE B 108 11.25 1.03 -12.29
N TRP B 109 11.32 1.95 -11.34
CA TRP B 109 11.54 1.59 -9.93
C TRP B 109 10.48 0.56 -9.49
N LEU B 110 9.24 0.85 -9.84
CA LEU B 110 8.09 0.00 -9.52
C LEU B 110 8.19 -1.39 -10.15
N HIS B 111 8.47 -1.43 -11.46
CA HIS B 111 8.57 -2.71 -12.14
C HIS B 111 9.71 -3.55 -11.62
N LYS B 112 10.86 -2.92 -11.42
CA LYS B 112 12.00 -3.61 -10.80
C LYS B 112 11.64 -4.14 -9.40
N CYS B 113 11.03 -3.30 -8.58
CA CYS B 113 10.64 -3.73 -7.23
C CYS B 113 9.66 -4.91 -7.26
N TRP B 114 8.64 -4.86 -8.13
CA TRP B 114 7.71 -5.97 -8.26
C TRP B 114 8.39 -7.28 -8.69
N LYS B 115 9.22 -7.20 -9.71
CA LYS B 115 9.94 -8.36 -10.21
C LYS B 115 10.91 -8.96 -9.15
N GLN B 116 11.54 -8.10 -8.36
N GLN B 116 11.54 -8.11 -8.36
CA GLN B 116 12.37 -8.53 -7.23
CA GLN B 116 12.37 -8.58 -7.24
C GLN B 116 11.52 -9.23 -6.16
C GLN B 116 11.50 -9.26 -6.18
N SER B 117 10.32 -8.71 -5.93
CA SER B 117 9.42 -9.23 -4.89
C SER B 117 8.82 -10.60 -5.25
N ASP B 118 8.36 -10.73 -6.50
CA ASP B 118 7.70 -11.94 -6.96
C ASP B 118 8.05 -12.23 -8.40
N PRO B 119 9.27 -12.71 -8.65
CA PRO B 119 9.69 -12.96 -10.05
C PRO B 119 8.80 -13.97 -10.78
N LYS B 120 8.29 -14.94 -10.05
N LYS B 120 8.28 -14.95 -10.05
CA LYS B 120 7.44 -15.97 -10.62
CA LYS B 120 7.43 -15.97 -10.66
C LYS B 120 6.17 -15.38 -11.27
C LYS B 120 6.16 -15.39 -11.27
N HIS B 121 5.52 -14.45 -10.58
CA HIS B 121 4.24 -13.88 -11.03
C HIS B 121 4.33 -12.53 -11.72
N TYR B 122 5.50 -11.90 -11.67
CA TYR B 122 5.74 -10.68 -12.41
C TYR B 122 5.78 -11.00 -13.90
N PHE B 123 5.16 -10.11 -14.69
CA PHE B 123 5.28 -10.18 -16.14
C PHE B 123 5.17 -8.77 -16.69
N LEU B 124 5.61 -8.62 -17.92
CA LEU B 124 5.49 -7.37 -18.67
C LEU B 124 5.17 -7.75 -20.10
N VAL B 125 4.18 -7.11 -20.69
CA VAL B 125 3.89 -7.34 -22.10
C VAL B 125 3.86 -6.02 -22.84
MG MG C . -8.23 21.34 12.03
C4 KBR D . 0.47 -1.20 2.27
C5 KBR D . -0.80 -1.54 3.04
C6 KBR D . -1.19 -1.20 5.47
C11 KBR D . -1.39 -2.79 2.43
C7 KBR D . -1.46 -0.82 7.87
C8 KBR D . -2.93 -1.20 8.03
C9 KBR D . -3.42 -0.91 9.45
C10 KBR D . -0.65 -1.25 9.09
C12 KBR D . -2.42 -2.26 1.52
N1 KBR D . -0.53 -1.82 4.47
C3 KBR D . 1.61 -2.14 2.71
O2 KBR D . -0.88 -1.52 6.76
O1 KBR D . -2.08 -0.40 5.22
C1 KBR D . 0.59 -2.72 4.76
C2 KBR D . 1.77 -2.02 4.20
O3 KBR D . -3.10 -3.42 1.01
C4 KBR E . -4.28 0.33 14.61
C5 KBR E . -3.37 1.11 15.61
C6 KBR E . -0.96 1.57 15.66
C11 KBR E . -3.90 0.93 17.04
C7 KBR E . 1.28 1.74 16.33
C8 KBR E . 2.55 0.90 16.19
C9 KBR E . 2.22 -0.59 16.41
C10 KBR E . 1.55 3.20 15.98
C12 KBR E . -2.73 0.79 18.04
N1 KBR E . -1.94 0.71 15.39
C3 KBR E . -3.95 -1.19 14.50
O2 KBR E . 0.32 1.19 15.43
O1 KBR E . -1.21 2.69 16.11
C1 KBR E . -1.66 -0.65 14.83
C2 KBR E . -2.69 -1.57 15.30
O3 KBR E . -3.04 1.68 19.14
C4 KBR F . -1.43 -3.55 -1.72
C5 KBR F . -2.10 -3.17 -3.03
C6 KBR F . -0.96 -3.75 -5.17
C11 KBR F . -2.89 -1.91 -2.84
C7 KBR F . 0.37 -3.64 -7.36
C8 KBR F . 1.12 -4.92 -7.69
C9 KBR F . 1.70 -4.90 -9.09
C10 KBR F . -0.92 -3.50 -8.17
C12 KBR F . -4.31 -2.26 -3.21
N1 KBR F . -1.01 -3.03 -4.02
C3 KBR F . -0.35 -2.54 -1.35
O2 KBR F . 0.16 -3.59 -5.94
O1 KBR F . -1.86 -4.55 -5.45
C1 KBR F . 0.06 -2.10 -3.67
C2 KBR F . 0.73 -2.53 -2.43
O3 KBR F . -5.07 -1.10 -2.87
C4 KBR G . 3.07 -5.55 -14.15
C5 KBR G . 2.57 -4.78 -15.41
C6 KBR G . 0.91 -2.99 -15.54
C11 KBR G . 2.70 -5.64 -16.65
C7 KBR G . -0.92 -1.86 -16.48
C8 KBR G . -2.44 -1.87 -16.27
C9 KBR G . -2.87 -3.30 -15.96
C10 KBR G . -0.44 -0.40 -16.62
C12 KBR G . 1.66 -5.15 -17.66
N1 KBR G . 1.19 -4.26 -15.21
C3 KBR G . 1.93 -5.89 -13.20
O2 KBR G . -0.33 -2.48 -15.34
O1 KBR G . 1.80 -2.27 -16.03
C1 KBR G . 0.14 -5.13 -14.61
C2 KBR G . 0.72 -6.37 -14.00
O3 KBR G . 2.18 -5.52 -18.93
#